data_4R7I
#
_entry.id   4R7I
#
_cell.length_a   63.130
_cell.length_b   63.130
_cell.length_c   183.460
_cell.angle_alpha   90.00
_cell.angle_beta   90.00
_cell.angle_gamma   90.00
#
_symmetry.space_group_name_H-M   'P 43 21 2'
#
loop_
_entity.id
_entity.type
_entity.pdbx_description
1 polymer 'Macrophage colony-stimulating factor 1 receptor'
2 non-polymer 4-(4-METHYL-PIPERAZIN-1-YLMETHYL)-N-[4-METHYL-3-(4-PYRIDIN-3-YL-PYRIMIDIN-2-YLAMINO)-PHENYL]-BENZAMIDE
3 water water
#
_entity_poly.entity_id   1
_entity_poly.type   'polypeptide(L)'
_entity_poly.pdbx_seq_one_letter_code
;MKKGHHHHHHGQKPKYQVRWKIIESYEGNSYTFIDPTQLPYNEKWEFPRNNLQFGKTLGAGAFGKVVEATAFGLGKEDAV
LKVAVKMLKSTAHADEKEALMSELKIMSHLGQHENIVNLLGACTHGGPVLVITEYCTYGDLLNFLRRKAEAMLGPSLSPG
QDPEGLDKEDGRPLELRDLLHFSSQVAQGMAFLASKNCIHRDVAARNVLLTNGHVAKIGDFGLARDIMNDSNYIVKGNAR
LPVKWMAPESIFDSVYTVQSDVWSYGILLWEIFSLGLNPYPGILVNSKFYKLVKDGYQMAQPAFAPKNIYSIMQACWALE
PTHRPTFQQITSFLQEQAQEDRR
;
_entity_poly.pdbx_strand_id   A
#
# COMPACT_ATOMS: atom_id res chain seq x y z
N THR A 37 9.04 -18.39 3.10
CA THR A 37 9.34 -18.76 4.47
C THR A 37 9.07 -20.25 4.68
N GLN A 38 9.06 -20.73 5.93
CA GLN A 38 8.91 -22.15 6.23
C GLN A 38 7.43 -22.45 6.45
N LEU A 39 6.60 -21.42 6.31
CA LEU A 39 5.17 -21.55 6.42
C LEU A 39 4.67 -22.45 5.29
N PRO A 40 3.60 -23.23 5.53
CA PRO A 40 3.08 -24.12 4.49
C PRO A 40 2.00 -23.44 3.65
N TYR A 41 1.89 -23.88 2.40
CA TYR A 41 0.79 -23.42 1.57
C TYR A 41 -0.39 -24.38 1.66
N ASN A 42 -1.54 -23.86 2.06
CA ASN A 42 -2.76 -24.65 2.16
C ASN A 42 -3.53 -24.63 0.84
N GLU A 43 -3.81 -25.82 0.32
CA GLU A 43 -4.42 -25.96 -0.99
C GLU A 43 -5.92 -25.65 -1.00
N LYS A 44 -6.41 -25.11 0.12
CA LYS A 44 -7.78 -24.64 0.21
C LYS A 44 -7.96 -23.44 -0.71
N TRP A 45 -6.85 -22.80 -1.07
CA TRP A 45 -6.88 -21.64 -1.96
C TRP A 45 -6.74 -22.04 -3.42
N GLU A 46 -6.42 -23.30 -3.67
CA GLU A 46 -6.13 -23.76 -5.03
C GLU A 46 -7.31 -23.56 -5.96
N PHE A 47 -7.04 -22.90 -7.09
CA PHE A 47 -8.06 -22.59 -8.07
C PHE A 47 -7.52 -23.02 -9.43
N PRO A 48 -8.39 -23.57 -10.29
CA PRO A 48 -7.99 -24.00 -11.63
C PRO A 48 -7.63 -22.80 -12.53
N ARG A 49 -6.39 -22.77 -13.03
CA ARG A 49 -5.92 -21.67 -13.86
C ARG A 49 -6.74 -21.50 -15.14
N ASN A 50 -7.36 -22.58 -15.61
CA ASN A 50 -8.19 -22.52 -16.81
C ASN A 50 -9.53 -21.81 -16.57
N ASN A 51 -9.85 -21.57 -15.30
CA ASN A 51 -11.06 -20.85 -14.95
C ASN A 51 -10.82 -19.34 -14.87
N LEU A 52 -9.69 -18.89 -15.40
CA LEU A 52 -9.38 -17.47 -15.43
C LEU A 52 -9.34 -16.97 -16.87
N GLN A 53 -10.01 -15.86 -17.14
CA GLN A 53 -9.94 -15.21 -18.45
C GLN A 53 -9.32 -13.83 -18.28
N PHE A 54 -8.08 -13.68 -18.75
CA PHE A 54 -7.30 -12.47 -18.52
C PHE A 54 -7.73 -11.26 -19.35
N GLY A 55 -7.64 -10.09 -18.73
CA GLY A 55 -7.90 -8.83 -19.42
C GLY A 55 -6.64 -7.98 -19.49
N LYS A 56 -6.78 -6.67 -19.28
CA LYS A 56 -5.66 -5.74 -19.36
C LYS A 56 -4.71 -5.84 -18.16
N THR A 57 -3.50 -5.30 -18.33
CA THR A 57 -2.53 -5.24 -17.25
C THR A 57 -2.79 -4.05 -16.34
N LEU A 58 -2.81 -4.29 -15.04
CA LEU A 58 -3.10 -3.25 -14.05
C LEU A 58 -1.82 -2.59 -13.54
N GLY A 59 -0.71 -3.29 -13.69
CA GLY A 59 0.58 -2.78 -13.25
C GLY A 59 1.68 -3.76 -13.60
N ALA A 60 2.87 -3.24 -13.86
CA ALA A 60 3.98 -4.11 -14.26
C ALA A 60 5.32 -3.64 -13.70
N GLY A 61 6.07 -4.57 -13.12
CA GLY A 61 7.42 -4.30 -12.65
C GLY A 61 8.42 -5.01 -13.52
N ALA A 62 9.66 -5.11 -13.04
CA ALA A 62 10.73 -5.72 -13.81
C ALA A 62 10.50 -7.21 -14.06
N PHE A 63 10.08 -7.94 -13.03
CA PHE A 63 9.98 -9.40 -13.13
C PHE A 63 8.59 -9.92 -12.80
N GLY A 64 7.68 -9.01 -12.50
CA GLY A 64 6.32 -9.41 -12.16
C GLY A 64 5.31 -8.44 -12.72
N LYS A 65 4.04 -8.84 -12.69
CA LYS A 65 2.96 -7.95 -13.12
C LYS A 65 1.65 -8.38 -12.50
N VAL A 66 0.70 -7.46 -12.49
CA VAL A 66 -0.66 -7.75 -12.06
C VAL A 66 -1.59 -7.57 -13.25
N VAL A 67 -2.43 -8.58 -13.49
CA VAL A 67 -3.34 -8.57 -14.62
C VAL A 67 -4.78 -8.73 -14.13
N GLU A 68 -5.70 -7.94 -14.69
CA GLU A 68 -7.11 -8.12 -14.39
C GLU A 68 -7.61 -9.39 -15.06
N ALA A 69 -8.57 -10.07 -14.43
CA ALA A 69 -9.10 -11.31 -14.98
C ALA A 69 -10.51 -11.57 -14.48
N THR A 70 -11.18 -12.54 -15.09
CA THR A 70 -12.47 -12.99 -14.60
C THR A 70 -12.35 -14.44 -14.15
N ALA A 71 -12.77 -14.70 -12.91
CA ALA A 71 -12.74 -16.05 -12.37
C ALA A 71 -14.14 -16.67 -12.43
N PHE A 72 -14.19 -17.94 -12.83
CA PHE A 72 -15.47 -18.64 -12.94
C PHE A 72 -15.59 -19.72 -11.88
N GLY A 73 -16.53 -19.53 -10.96
CA GLY A 73 -16.77 -20.47 -9.89
C GLY A 73 -15.78 -20.31 -8.75
N LEU A 74 -15.46 -19.06 -8.45
CA LEU A 74 -14.49 -18.72 -7.41
C LEU A 74 -15.17 -18.61 -6.05
N GLY A 75 -14.65 -19.36 -5.09
CA GLY A 75 -15.10 -19.22 -3.72
C GLY A 75 -16.24 -20.14 -3.33
N LYS A 76 -16.70 -19.98 -2.10
CA LYS A 76 -17.74 -20.82 -1.52
C LYS A 76 -19.03 -20.75 -2.34
N GLU A 77 -19.34 -19.56 -2.85
CA GLU A 77 -20.58 -19.33 -3.56
C GLU A 77 -20.43 -19.48 -5.07
N ASP A 78 -19.33 -20.08 -5.50
CA ASP A 78 -19.04 -20.29 -6.92
C ASP A 78 -19.17 -19.03 -7.78
N ALA A 79 -18.86 -17.88 -7.19
CA ALA A 79 -19.05 -16.58 -7.84
C ALA A 79 -18.31 -16.43 -9.16
N VAL A 80 -18.84 -15.58 -10.04
CA VAL A 80 -18.15 -15.23 -11.28
C VAL A 80 -17.71 -13.78 -11.18
N LEU A 81 -16.43 -13.56 -10.98
CA LEU A 81 -15.86 -12.34 -10.44
C LEU A 81 -14.79 -11.72 -11.28
N LYS A 82 -14.68 -10.41 -11.22
CA LYS A 82 -13.49 -9.73 -11.72
C LYS A 82 -12.45 -9.71 -10.61
N VAL A 83 -11.25 -10.19 -10.92
CA VAL A 83 -10.19 -10.28 -9.91
C VAL A 83 -8.86 -9.72 -10.42
N ALA A 84 -7.92 -9.56 -9.50
CA ALA A 84 -6.55 -9.19 -9.83
C ALA A 84 -5.66 -10.42 -9.71
N VAL A 85 -4.78 -10.62 -10.67
CA VAL A 85 -3.89 -11.78 -10.68
C VAL A 85 -2.43 -11.38 -10.79
N LYS A 86 -1.65 -11.62 -9.74
CA LYS A 86 -0.20 -11.37 -9.80
C LYS A 86 0.52 -12.59 -10.35
N MET A 87 1.49 -12.34 -11.23
CA MET A 87 2.25 -13.41 -11.85
C MET A 87 3.63 -12.92 -12.23
N LEU A 88 4.55 -13.87 -12.45
CA LEU A 88 5.90 -13.51 -12.89
C LEU A 88 5.96 -13.31 -14.40
N LYS A 89 6.83 -12.40 -14.83
CA LYS A 89 7.06 -12.19 -16.25
C LYS A 89 8.06 -13.23 -16.74
N SER A 90 8.33 -13.23 -18.05
CA SER A 90 9.26 -14.19 -18.62
C SER A 90 10.71 -13.88 -18.21
N THR A 91 10.93 -12.68 -17.70
CA THR A 91 12.26 -12.24 -17.29
C THR A 91 12.63 -12.75 -15.90
N ALA A 92 11.63 -13.21 -15.16
CA ALA A 92 11.84 -13.67 -13.78
C ALA A 92 12.57 -15.00 -13.70
N HIS A 93 13.26 -15.21 -12.59
CA HIS A 93 13.99 -16.45 -12.34
C HIS A 93 13.57 -17.08 -11.01
N ALA A 94 14.36 -18.03 -10.53
CA ALA A 94 14.02 -18.83 -9.34
C ALA A 94 13.74 -18.00 -8.09
N ASP A 95 14.58 -17.01 -7.82
CA ASP A 95 14.43 -16.16 -6.64
C ASP A 95 13.11 -15.39 -6.65
N GLU A 96 12.74 -14.89 -7.82
CA GLU A 96 11.47 -14.19 -7.97
C GLU A 96 10.30 -15.12 -7.69
N LYS A 97 10.46 -16.39 -8.04
CA LYS A 97 9.41 -17.37 -7.83
C LYS A 97 9.27 -17.74 -6.36
N GLU A 98 10.40 -17.82 -5.66
CA GLU A 98 10.37 -18.12 -4.23
C GLU A 98 9.72 -16.97 -3.46
N ALA A 99 9.93 -15.75 -3.94
CA ALA A 99 9.34 -14.57 -3.33
C ALA A 99 7.82 -14.57 -3.49
N LEU A 100 7.36 -14.87 -4.69
CA LEU A 100 5.93 -14.88 -4.98
C LEU A 100 5.20 -15.93 -4.15
N MET A 101 5.87 -17.05 -3.90
CA MET A 101 5.30 -18.10 -3.05
C MET A 101 5.25 -17.66 -1.59
N SER A 102 6.28 -16.97 -1.14
CA SER A 102 6.36 -16.47 0.23
C SER A 102 5.24 -15.48 0.48
N GLU A 103 5.08 -14.56 -0.47
CA GLU A 103 4.01 -13.57 -0.42
C GLU A 103 2.66 -14.26 -0.29
N LEU A 104 2.46 -15.32 -1.08
CA LEU A 104 1.25 -16.11 -1.03
C LEU A 104 1.06 -16.78 0.35
N LYS A 105 2.15 -17.32 0.90
CA LYS A 105 2.09 -17.98 2.19
C LYS A 105 1.74 -16.99 3.29
N ILE A 106 2.32 -15.80 3.22
CA ILE A 106 2.06 -14.74 4.19
C ILE A 106 0.59 -14.30 4.15
N MET A 107 0.08 -14.05 2.95
CA MET A 107 -1.31 -13.63 2.78
C MET A 107 -2.30 -14.65 3.36
N SER A 108 -1.95 -15.93 3.29
CA SER A 108 -2.78 -16.96 3.89
C SER A 108 -2.72 -16.82 5.41
N HIS A 109 -1.53 -16.62 5.93
CA HIS A 109 -1.29 -16.53 7.35
C HIS A 109 -2.00 -15.32 7.98
N LEU A 110 -2.06 -14.23 7.23
CA LEU A 110 -2.64 -12.99 7.71
C LEU A 110 -4.11 -13.10 8.13
N GLY A 111 -4.90 -13.77 7.29
CA GLY A 111 -6.34 -13.79 7.49
C GLY A 111 -6.97 -12.70 6.65
N GLN A 112 -8.29 -12.57 6.75
CA GLN A 112 -9.00 -11.57 5.95
C GLN A 112 -9.48 -10.38 6.78
N HIS A 113 -9.41 -9.20 6.18
CA HIS A 113 -9.91 -7.99 6.80
C HIS A 113 -10.42 -7.06 5.71
N GLU A 114 -11.41 -6.23 6.05
CA GLU A 114 -12.09 -5.37 5.10
C GLU A 114 -11.17 -4.31 4.48
N ASN A 115 -10.10 -3.95 5.19
CA ASN A 115 -9.22 -2.87 4.76
C ASN A 115 -7.83 -3.33 4.34
N ILE A 116 -7.72 -4.59 3.95
CA ILE A 116 -6.53 -5.07 3.24
C ILE A 116 -6.96 -5.68 1.92
N VAL A 117 -6.01 -5.86 1.01
CA VAL A 117 -6.29 -6.54 -0.24
C VAL A 117 -6.29 -8.03 0.01
N ASN A 118 -7.47 -8.64 0.01
CA ASN A 118 -7.62 -10.03 0.41
C ASN A 118 -7.23 -11.05 -0.67
N LEU A 119 -6.54 -12.10 -0.25
CA LEU A 119 -6.24 -13.23 -1.10
C LEU A 119 -7.54 -14.00 -1.36
N LEU A 120 -7.82 -14.27 -2.63
CA LEU A 120 -9.03 -15.01 -3.00
C LEU A 120 -8.74 -16.45 -3.41
N GLY A 121 -7.54 -16.68 -3.92
CA GLY A 121 -7.15 -18.01 -4.37
C GLY A 121 -5.77 -18.02 -5.00
N ALA A 122 -5.32 -19.20 -5.42
CA ALA A 122 -4.01 -19.33 -6.05
C ALA A 122 -3.96 -20.50 -7.03
N CYS A 123 -3.03 -20.42 -7.96
CA CYS A 123 -2.78 -21.51 -8.90
C CYS A 123 -1.32 -21.92 -8.80
N THR A 124 -1.04 -23.04 -8.14
CA THR A 124 0.33 -23.47 -7.94
C THR A 124 0.63 -24.78 -8.66
N HIS A 125 -0.39 -25.37 -9.27
CA HIS A 125 -0.22 -26.63 -10.00
C HIS A 125 -0.35 -26.44 -11.50
N GLY A 126 0.47 -27.16 -12.25
CA GLY A 126 0.35 -27.20 -13.70
C GLY A 126 0.64 -25.91 -14.44
N GLY A 127 1.60 -25.14 -13.93
CA GLY A 127 1.97 -23.89 -14.57
C GLY A 127 2.57 -22.91 -13.60
N PRO A 128 2.85 -21.68 -14.08
CA PRO A 128 3.42 -20.60 -13.28
C PRO A 128 2.56 -20.29 -12.06
N VAL A 129 3.18 -19.86 -10.97
CA VAL A 129 2.44 -19.49 -9.78
C VAL A 129 1.56 -18.26 -10.02
N LEU A 130 0.27 -18.39 -9.77
CA LEU A 130 -0.68 -17.30 -9.94
C LEU A 130 -1.31 -16.95 -8.60
N VAL A 131 -1.23 -15.67 -8.21
CA VAL A 131 -1.84 -15.22 -6.97
C VAL A 131 -3.06 -14.35 -7.27
N ILE A 132 -4.22 -14.77 -6.76
CA ILE A 132 -5.47 -14.10 -7.09
C ILE A 132 -6.04 -13.29 -5.91
N THR A 133 -6.31 -12.01 -6.13
CA THR A 133 -6.84 -11.17 -5.07
C THR A 133 -8.10 -10.43 -5.51
N GLU A 134 -8.64 -9.62 -4.59
CA GLU A 134 -9.78 -8.76 -4.91
C GLU A 134 -9.40 -7.76 -5.99
N TYR A 135 -10.37 -7.41 -6.84
CA TYR A 135 -10.17 -6.34 -7.81
C TYR A 135 -10.74 -5.04 -7.25
N CYS A 136 -9.91 -3.99 -7.27
CA CYS A 136 -10.31 -2.69 -6.71
C CYS A 136 -10.62 -1.68 -7.81
N THR A 137 -11.92 -1.39 -7.97
CA THR A 137 -12.44 -0.61 -9.09
C THR A 137 -11.71 0.71 -9.41
N TYR A 138 -11.25 1.41 -8.37
CA TYR A 138 -10.71 2.76 -8.56
C TYR A 138 -9.18 2.83 -8.57
N GLY A 139 -8.53 1.68 -8.44
CA GLY A 139 -7.07 1.65 -8.49
C GLY A 139 -6.41 2.21 -7.24
N ASP A 140 -5.15 2.58 -7.37
CA ASP A 140 -4.38 3.09 -6.24
C ASP A 140 -4.85 4.47 -5.79
N LEU A 141 -4.74 4.72 -4.48
CA LEU A 141 -5.23 5.93 -3.85
C LEU A 141 -4.52 7.19 -4.34
N LEU A 142 -3.22 7.07 -4.58
CA LEU A 142 -2.41 8.21 -5.00
C LEU A 142 -2.91 8.81 -6.32
N ASN A 143 -3.01 7.98 -7.35
CA ASN A 143 -3.52 8.41 -8.64
C ASN A 143 -4.94 8.93 -8.54
N PHE A 144 -5.75 8.24 -7.74
CA PHE A 144 -7.15 8.64 -7.55
C PHE A 144 -7.27 10.07 -7.05
N LEU A 145 -6.48 10.41 -6.03
CA LEU A 145 -6.51 11.74 -5.43
C LEU A 145 -6.04 12.80 -6.42
N ARG A 146 -5.02 12.46 -7.21
CA ARG A 146 -4.48 13.39 -8.19
C ARG A 146 -5.47 13.66 -9.31
N ARG A 147 -6.11 12.61 -9.80
CA ARG A 147 -7.11 12.76 -10.87
C ARG A 147 -8.35 13.46 -10.35
N LYS A 148 -8.68 13.22 -9.08
CA LYS A 148 -9.85 13.84 -8.47
C LYS A 148 -9.62 15.34 -8.31
N ALA A 149 -8.42 15.70 -7.87
CA ALA A 149 -8.03 17.11 -7.76
C ALA A 149 -8.16 17.83 -9.10
N GLU A 150 -7.62 17.22 -10.15
CA GLU A 150 -7.68 17.79 -11.49
C GLU A 150 -9.13 17.98 -11.94
N ALA A 151 -9.97 17.00 -11.63
CA ALA A 151 -11.38 17.04 -12.04
C ALA A 151 -12.16 18.13 -11.29
N MET A 152 -11.73 18.45 -10.08
CA MET A 152 -12.40 19.48 -9.28
C MET A 152 -12.00 20.90 -9.71
N LEU A 153 -10.76 21.05 -10.18
CA LEU A 153 -10.28 22.33 -10.70
C LEU A 153 -10.83 22.59 -12.09
N GLY A 154 -11.17 21.50 -12.78
CA GLY A 154 -11.68 21.54 -14.16
C GLY A 154 -12.64 22.65 -14.56
N PRO A 155 -13.80 22.76 -13.89
CA PRO A 155 -14.84 23.80 -14.11
C PRO A 155 -14.28 25.23 -14.17
N SER A 156 -13.32 25.54 -13.30
CA SER A 156 -12.68 26.86 -13.28
C SER A 156 -11.79 27.06 -14.50
N LEU A 157 -10.96 26.06 -14.80
CA LEU A 157 -9.99 26.17 -15.90
C LEU A 157 -10.45 25.45 -17.17
N SER A 158 -10.56 24.13 -17.12
CA SER A 158 -11.02 23.36 -18.28
C SER A 158 -12.50 23.63 -18.57
N GLY A 171 -17.13 11.11 -10.59
CA GLY A 171 -18.43 11.70 -10.31
C GLY A 171 -18.34 12.97 -9.50
N ARG A 172 -18.93 12.94 -8.30
CA ARG A 172 -19.00 14.11 -7.42
C ARG A 172 -17.64 14.43 -6.79
N PRO A 173 -17.45 15.69 -6.34
CA PRO A 173 -16.16 16.09 -5.78
C PRO A 173 -15.91 15.56 -4.35
N LEU A 174 -14.65 15.56 -3.95
CA LEU A 174 -14.26 15.11 -2.61
C LEU A 174 -14.60 16.15 -1.55
N GLU A 175 -14.89 15.65 -0.36
CA GLU A 175 -15.08 16.50 0.81
C GLU A 175 -14.11 16.04 1.87
N LEU A 176 -13.94 16.86 2.92
CA LEU A 176 -12.97 16.55 3.98
C LEU A 176 -13.26 15.21 4.63
N ARG A 177 -14.54 14.86 4.69
CA ARG A 177 -14.97 13.61 5.30
C ARG A 177 -14.48 12.38 4.53
N ASP A 178 -14.32 12.52 3.21
CA ASP A 178 -13.82 11.44 2.37
C ASP A 178 -12.38 11.13 2.72
N LEU A 179 -11.59 12.19 2.94
CA LEU A 179 -10.19 12.04 3.30
C LEU A 179 -10.06 11.38 4.67
N LEU A 180 -10.95 11.73 5.58
CA LEU A 180 -10.93 11.15 6.92
C LEU A 180 -11.29 9.67 6.88
N HIS A 181 -12.23 9.29 6.02
CA HIS A 181 -12.60 7.88 5.87
C HIS A 181 -11.45 7.05 5.32
N PHE A 182 -10.82 7.57 4.27
CA PHE A 182 -9.68 6.91 3.66
C PHE A 182 -8.62 6.65 4.71
N SER A 183 -8.23 7.71 5.41
CA SER A 183 -7.22 7.63 6.47
C SER A 183 -7.62 6.65 7.56
N SER A 184 -8.87 6.73 7.99
CA SER A 184 -9.40 5.84 9.02
C SER A 184 -9.31 4.37 8.57
N GLN A 185 -9.75 4.09 7.35
CA GLN A 185 -9.77 2.75 6.81
C GLN A 185 -8.37 2.13 6.68
N VAL A 186 -7.42 2.90 6.17
CA VAL A 186 -6.05 2.42 6.03
C VAL A 186 -5.47 2.09 7.41
N ALA A 187 -5.81 2.91 8.39
CA ALA A 187 -5.38 2.68 9.77
C ALA A 187 -5.95 1.40 10.35
N GLN A 188 -7.22 1.12 10.04
CA GLN A 188 -7.86 -0.12 10.48
C GLN A 188 -7.16 -1.34 9.86
N GLY A 189 -6.78 -1.21 8.59
CA GLY A 189 -6.05 -2.26 7.91
C GLY A 189 -4.67 -2.48 8.48
N MET A 190 -3.98 -1.39 8.79
CA MET A 190 -2.64 -1.47 9.37
C MET A 190 -2.68 -2.00 10.80
N ALA A 191 -3.74 -1.66 11.52
CA ALA A 191 -3.92 -2.14 12.89
C ALA A 191 -4.14 -3.65 12.88
N PHE A 192 -4.76 -4.13 11.81
CA PHE A 192 -5.03 -5.55 11.65
C PHE A 192 -3.74 -6.30 11.36
N LEU A 193 -2.88 -5.70 10.56
CA LEU A 193 -1.59 -6.30 10.22
C LEU A 193 -0.70 -6.30 11.45
N ALA A 194 -0.79 -5.23 12.24
CA ALA A 194 0.03 -5.10 13.44
C ALA A 194 -0.36 -6.14 14.49
N SER A 195 -1.65 -6.44 14.56
CA SER A 195 -2.16 -7.44 15.50
C SER A 195 -1.65 -8.83 15.14
N LYS A 196 -1.20 -8.99 13.88
CA LYS A 196 -0.68 -10.26 13.41
C LYS A 196 0.86 -10.28 13.40
N ASN A 197 1.47 -9.28 14.04
CA ASN A 197 2.92 -9.11 14.06
C ASN A 197 3.52 -9.00 12.65
N CYS A 198 2.78 -8.38 11.74
CA CYS A 198 3.16 -8.29 10.34
C CYS A 198 3.66 -6.89 9.96
N ILE A 199 4.91 -6.80 9.50
CA ILE A 199 5.50 -5.50 9.17
C ILE A 199 5.43 -5.22 7.68
N HIS A 200 4.81 -4.11 7.31
CA HIS A 200 4.56 -3.81 5.91
C HIS A 200 5.80 -3.32 5.16
N ARG A 201 6.49 -2.34 5.77
CA ARG A 201 7.74 -1.78 5.25
C ARG A 201 7.65 -0.92 3.97
N ASP A 202 6.44 -0.68 3.48
CA ASP A 202 6.25 0.20 2.33
C ASP A 202 4.86 0.81 2.34
N VAL A 203 4.47 1.31 3.51
CA VAL A 203 3.19 2.01 3.65
C VAL A 203 3.24 3.33 2.89
N ALA A 204 2.36 3.45 1.89
CA ALA A 204 2.30 4.66 1.06
C ALA A 204 1.01 4.64 0.24
N ALA A 205 0.62 5.81 -0.27
CA ALA A 205 -0.62 5.97 -1.01
C ALA A 205 -0.61 5.16 -2.32
N ARG A 206 0.57 4.95 -2.87
CA ARG A 206 0.71 4.17 -4.09
C ARG A 206 0.40 2.70 -3.84
N ASN A 207 0.44 2.30 -2.57
CA ASN A 207 0.14 0.92 -2.18
C ASN A 207 -1.23 0.76 -1.56
N VAL A 208 -2.05 1.80 -1.64
CA VAL A 208 -3.41 1.74 -1.13
C VAL A 208 -4.38 1.65 -2.31
N LEU A 209 -5.32 0.71 -2.24
CA LEU A 209 -6.30 0.55 -3.32
C LEU A 209 -7.71 0.90 -2.90
N LEU A 210 -8.47 1.50 -3.81
CA LEU A 210 -9.86 1.86 -3.55
C LEU A 210 -10.84 0.96 -4.30
N THR A 211 -11.69 0.26 -3.56
CA THR A 211 -12.66 -0.62 -4.18
C THR A 211 -14.06 0.00 -4.16
N ASN A 212 -15.08 -0.83 -4.39
CA ASN A 212 -16.47 -0.39 -4.39
C ASN A 212 -16.85 0.40 -3.14
N GLY A 213 -17.66 1.43 -3.32
CA GLY A 213 -18.08 2.28 -2.22
C GLY A 213 -16.94 3.16 -1.74
N HIS A 214 -15.87 3.21 -2.51
CA HIS A 214 -14.66 3.95 -2.17
C HIS A 214 -14.09 3.57 -0.81
N VAL A 215 -13.88 2.28 -0.62
CA VAL A 215 -13.27 1.76 0.60
C VAL A 215 -11.78 1.52 0.36
N ALA A 216 -10.94 2.08 1.24
CA ALA A 216 -9.50 1.97 1.07
C ALA A 216 -8.98 0.65 1.61
N LYS A 217 -8.08 0.02 0.86
CA LYS A 217 -7.43 -1.20 1.30
C LYS A 217 -5.92 -1.07 1.16
N ILE A 218 -5.18 -1.51 2.18
CA ILE A 218 -3.73 -1.48 2.11
C ILE A 218 -3.19 -2.74 1.42
N GLY A 219 -2.31 -2.54 0.45
CA GLY A 219 -1.74 -3.65 -0.29
C GLY A 219 -0.23 -3.52 -0.47
N ASP A 220 0.32 -4.31 -1.38
CA ASP A 220 1.74 -4.22 -1.70
C ASP A 220 2.01 -4.72 -3.11
N PHE A 221 2.41 -3.82 -3.99
CA PHE A 221 2.65 -4.15 -5.40
C PHE A 221 3.81 -5.13 -5.59
N GLY A 222 4.81 -5.04 -4.71
CA GLY A 222 5.98 -5.90 -4.78
C GLY A 222 6.65 -5.97 -6.14
N LEU A 223 6.64 -7.17 -6.72
CA LEU A 223 7.25 -7.42 -8.01
C LEU A 223 6.54 -6.69 -9.16
N ALA A 224 5.32 -6.23 -8.89
CA ALA A 224 4.50 -5.58 -9.91
C ALA A 224 4.73 -4.07 -9.96
N ARG A 225 5.71 -3.59 -9.20
CA ARG A 225 6.09 -2.18 -9.24
C ARG A 225 7.43 -2.00 -9.91
N ASP A 226 7.51 -0.98 -10.78
CA ASP A 226 8.72 -0.70 -11.53
C ASP A 226 9.68 0.19 -10.74
N ILE A 227 10.17 -0.32 -9.60
CA ILE A 227 11.06 0.44 -8.71
C ILE A 227 12.31 0.97 -9.42
N MET A 228 12.77 0.22 -10.42
CA MET A 228 13.99 0.57 -11.16
C MET A 228 13.87 1.92 -11.85
N ASN A 229 12.65 2.30 -12.22
CA ASN A 229 12.42 3.58 -12.87
C ASN A 229 11.51 4.51 -12.06
N ASP A 230 11.26 4.13 -10.81
CA ASP A 230 10.40 4.91 -9.93
C ASP A 230 11.24 5.90 -9.12
N SER A 231 10.94 7.20 -9.28
CA SER A 231 11.73 8.24 -8.63
C SER A 231 11.40 8.38 -7.15
N ASN A 232 10.42 7.62 -6.67
CA ASN A 232 10.08 7.61 -5.25
C ASN A 232 10.92 6.58 -4.52
N TYR A 233 11.70 5.82 -5.27
CA TYR A 233 12.63 4.86 -4.70
C TYR A 233 14.07 5.31 -4.97
N ILE A 234 14.80 5.52 -3.89
CA ILE A 234 16.16 6.06 -3.97
C ILE A 234 17.19 4.94 -3.87
N VAL A 235 18.28 5.06 -4.63
CA VAL A 235 19.38 4.11 -4.58
C VAL A 235 20.21 4.32 -3.30
N LYS A 236 19.97 3.47 -2.32
CA LYS A 236 20.71 3.50 -1.06
C LYS A 236 21.55 2.23 -0.96
N GLY A 237 22.73 2.27 -1.55
CA GLY A 237 23.63 1.12 -1.56
C GLY A 237 23.11 -0.11 -2.28
N ASN A 238 22.84 -1.16 -1.52
CA ASN A 238 22.40 -2.43 -2.08
C ASN A 238 21.02 -2.41 -2.72
N ALA A 239 20.09 -1.66 -2.11
CA ALA A 239 18.70 -1.70 -2.55
C ALA A 239 18.15 -0.33 -2.92
N ARG A 240 16.93 -0.33 -3.46
CA ARG A 240 16.21 0.88 -3.76
C ARG A 240 15.07 1.03 -2.77
N LEU A 241 15.12 2.09 -1.98
CA LEU A 241 14.22 2.24 -0.84
C LEU A 241 13.35 3.49 -0.95
N PRO A 242 12.10 3.41 -0.47
CA PRO A 242 11.21 4.57 -0.39
C PRO A 242 11.62 5.47 0.77
N VAL A 243 12.80 6.09 0.63
CA VAL A 243 13.43 6.86 1.70
C VAL A 243 12.57 7.95 2.32
N LYS A 244 11.80 8.67 1.50
CA LYS A 244 10.96 9.76 2.00
C LYS A 244 9.81 9.27 2.89
N TRP A 245 9.59 7.96 2.88
CA TRP A 245 8.55 7.35 3.69
C TRP A 245 9.11 6.64 4.93
N MET A 246 10.44 6.51 5.00
CA MET A 246 11.07 5.68 6.01
C MET A 246 11.38 6.39 7.32
N ALA A 247 11.28 5.63 8.42
CA ALA A 247 11.67 6.12 9.74
C ALA A 247 13.19 6.20 9.85
N PRO A 248 13.69 7.12 10.68
CA PRO A 248 15.14 7.28 10.83
C PRO A 248 15.85 5.98 11.24
N GLU A 249 15.23 5.19 12.10
CA GLU A 249 15.85 3.94 12.53
C GLU A 249 15.91 2.92 11.39
N SER A 250 14.99 3.04 10.44
CA SER A 250 15.02 2.17 9.27
C SER A 250 16.15 2.60 8.33
N ILE A 251 16.24 3.89 8.07
CA ILE A 251 17.26 4.44 7.18
C ILE A 251 18.67 4.16 7.68
N PHE A 252 18.89 4.39 8.97
CA PHE A 252 20.24 4.33 9.53
C PHE A 252 20.61 2.98 10.13
N ASP A 253 19.67 2.36 10.82
CA ASP A 253 19.96 1.11 11.53
C ASP A 253 19.35 -0.13 10.87
N SER A 254 18.73 0.07 9.71
CA SER A 254 17.99 -1.01 9.02
C SER A 254 17.00 -1.72 9.94
N VAL A 255 16.27 -0.93 10.72
CA VAL A 255 15.34 -1.49 11.69
C VAL A 255 13.88 -1.26 11.25
N TYR A 256 13.14 -2.36 11.13
CA TYR A 256 11.74 -2.28 10.74
C TYR A 256 10.84 -2.88 11.82
N THR A 257 9.90 -2.08 12.30
CA THR A 257 8.94 -2.53 13.30
C THR A 257 7.56 -2.02 12.92
N VAL A 258 6.56 -2.34 13.75
CA VAL A 258 5.23 -1.77 13.58
C VAL A 258 5.34 -0.25 13.69
N GLN A 259 6.25 0.22 14.55
CA GLN A 259 6.46 1.64 14.79
C GLN A 259 7.03 2.37 13.59
N SER A 260 7.93 1.73 12.85
CA SER A 260 8.48 2.34 11.64
C SER A 260 7.41 2.39 10.54
N ASP A 261 6.44 1.50 10.63
CA ASP A 261 5.28 1.55 9.75
C ASP A 261 4.41 2.74 10.12
N VAL A 262 4.30 3.01 11.42
CA VAL A 262 3.51 4.13 11.92
C VAL A 262 4.06 5.46 11.40
N TRP A 263 5.39 5.56 11.34
CA TRP A 263 6.04 6.71 10.75
C TRP A 263 5.59 6.86 9.30
N SER A 264 5.76 5.80 8.54
CA SER A 264 5.44 5.80 7.11
C SER A 264 3.97 6.12 6.86
N TYR A 265 3.12 5.73 7.80
CA TYR A 265 1.71 6.05 7.73
C TYR A 265 1.52 7.56 7.87
N GLY A 266 2.34 8.20 8.70
CA GLY A 266 2.27 9.64 8.87
C GLY A 266 2.54 10.36 7.56
N ILE A 267 3.53 9.86 6.82
CA ILE A 267 3.83 10.37 5.50
C ILE A 267 2.63 10.18 4.57
N LEU A 268 1.99 9.02 4.68
CA LEU A 268 0.78 8.74 3.92
C LEU A 268 -0.35 9.72 4.24
N LEU A 269 -0.50 10.04 5.52
CA LEU A 269 -1.51 10.99 5.97
C LEU A 269 -1.27 12.33 5.29
N TRP A 270 0.00 12.69 5.17
CA TRP A 270 0.41 13.91 4.48
C TRP A 270 0.02 13.87 3.00
N GLU A 271 0.21 12.72 2.36
CA GLU A 271 -0.15 12.53 0.96
C GLU A 271 -1.64 12.75 0.73
N ILE A 272 -2.44 12.27 1.66
CA ILE A 272 -3.89 12.34 1.55
C ILE A 272 -4.40 13.78 1.67
N PHE A 273 -3.87 14.51 2.65
CA PHE A 273 -4.37 15.86 2.93
C PHE A 273 -3.62 16.94 2.15
N SER A 274 -2.83 16.50 1.17
CA SER A 274 -2.24 17.41 0.20
C SER A 274 -2.78 17.02 -1.16
N LEU A 275 -3.62 15.98 -1.16
CA LEU A 275 -4.20 15.40 -2.38
C LEU A 275 -3.16 14.84 -3.34
N GLY A 276 -2.17 14.14 -2.79
CA GLY A 276 -1.21 13.42 -3.61
C GLY A 276 0.01 14.21 -4.06
N LEU A 277 0.57 15.01 -3.17
CA LEU A 277 1.85 15.66 -3.44
C LEU A 277 3.00 14.72 -3.04
N ASN A 278 4.16 14.91 -3.65
CA ASN A 278 5.35 14.19 -3.23
C ASN A 278 5.84 14.71 -1.89
N PRO A 279 6.18 13.80 -0.96
CA PRO A 279 6.70 14.19 0.34
C PRO A 279 8.01 14.96 0.19
N TYR A 280 8.26 15.90 1.09
CA TYR A 280 9.44 16.79 1.03
C TYR A 280 9.67 17.34 -0.37
N PRO A 281 8.65 18.00 -0.96
CA PRO A 281 8.71 18.32 -2.40
C PRO A 281 9.87 19.25 -2.77
N GLY A 282 10.59 18.89 -3.82
CA GLY A 282 11.70 19.68 -4.30
C GLY A 282 13.02 19.37 -3.61
N ILE A 283 12.95 18.61 -2.52
CA ILE A 283 14.15 18.31 -1.74
C ILE A 283 14.84 17.03 -2.18
N LEU A 284 16.11 17.17 -2.56
CA LEU A 284 16.91 16.04 -3.00
C LEU A 284 17.34 15.19 -1.81
N VAL A 285 17.21 13.87 -1.94
CA VAL A 285 17.67 12.97 -0.90
C VAL A 285 19.19 12.90 -0.93
N ASN A 286 19.82 13.47 0.08
CA ASN A 286 21.27 13.43 0.21
C ASN A 286 21.67 13.48 1.69
N SER A 287 22.96 13.69 1.95
CA SER A 287 23.47 13.78 3.30
C SER A 287 22.72 14.80 4.15
N LYS A 288 22.39 15.94 3.55
CA LYS A 288 21.67 16.98 4.26
C LYS A 288 20.26 16.52 4.63
N PHE A 289 19.57 15.88 3.70
CA PHE A 289 18.22 15.36 3.98
C PHE A 289 18.24 14.33 5.10
N TYR A 290 19.18 13.39 5.03
CA TYR A 290 19.33 12.36 6.04
C TYR A 290 19.55 12.98 7.42
N LYS A 291 20.49 13.91 7.48
CA LYS A 291 20.81 14.59 8.73
C LYS A 291 19.63 15.41 9.23
N LEU A 292 18.87 16.00 8.31
CA LEU A 292 17.70 16.80 8.67
C LEU A 292 16.61 15.97 9.34
N VAL A 293 16.25 14.86 8.70
CA VAL A 293 15.26 13.94 9.25
C VAL A 293 15.70 13.43 10.62
N LYS A 294 16.99 13.12 10.74
CA LYS A 294 17.57 12.62 11.97
C LYS A 294 17.51 13.64 13.10
N ASP A 295 17.58 14.93 12.75
CA ASP A 295 17.54 16.00 13.74
C ASP A 295 16.13 16.55 13.97
N GLY A 296 15.12 15.85 13.44
CA GLY A 296 13.74 16.19 13.73
C GLY A 296 13.06 17.16 12.79
N TYR A 297 13.59 17.31 11.58
CA TYR A 297 12.94 18.14 10.57
C TYR A 297 11.67 17.45 10.09
N GLN A 298 10.58 18.20 10.03
CA GLN A 298 9.29 17.65 9.63
C GLN A 298 8.65 18.52 8.56
N MET A 299 7.85 17.90 7.72
CA MET A 299 7.10 18.62 6.70
C MET A 299 6.14 19.60 7.33
N ALA A 300 5.78 20.64 6.59
CA ALA A 300 4.81 21.62 7.08
C ALA A 300 3.40 21.08 6.93
N GLN A 301 2.44 21.76 7.52
CA GLN A 301 1.05 21.32 7.47
C GLN A 301 0.50 21.34 6.06
N PRO A 302 -0.11 20.22 5.62
CA PRO A 302 -0.70 20.14 4.28
C PRO A 302 -1.90 21.07 4.17
N ALA A 303 -2.21 21.52 2.95
CA ALA A 303 -3.22 22.55 2.73
C ALA A 303 -4.61 22.16 3.22
N PHE A 304 -4.92 20.87 3.21
CA PHE A 304 -6.28 20.42 3.50
C PHE A 304 -6.40 19.71 4.84
N ALA A 305 -5.31 19.64 5.58
CA ALA A 305 -5.32 19.00 6.89
C ALA A 305 -5.78 19.96 8.00
N PRO A 306 -6.79 19.54 8.78
CA PRO A 306 -7.11 20.27 10.00
C PRO A 306 -5.95 20.13 10.99
N LYS A 307 -5.75 21.12 11.86
CA LYS A 307 -4.66 21.11 12.83
C LYS A 307 -4.65 19.78 13.59
N ASN A 308 -5.85 19.29 13.87
CA ASN A 308 -6.07 17.97 14.46
C ASN A 308 -5.27 16.84 13.80
N ILE A 309 -5.42 16.73 12.48
CA ILE A 309 -4.82 15.64 11.73
C ILE A 309 -3.31 15.85 11.56
N TYR A 310 -2.90 17.11 11.42
CA TYR A 310 -1.49 17.43 11.33
C TYR A 310 -0.76 17.10 12.62
N SER A 311 -1.43 17.31 13.76
CA SER A 311 -0.87 16.92 15.05
C SER A 311 -0.65 15.41 15.08
N ILE A 312 -1.59 14.66 14.51
CA ILE A 312 -1.44 13.22 14.40
C ILE A 312 -0.20 12.84 13.57
N MET A 313 0.01 13.56 12.46
CA MET A 313 1.18 13.33 11.62
C MET A 313 2.46 13.51 12.41
N GLN A 314 2.55 14.64 13.13
CA GLN A 314 3.71 14.97 13.94
C GLN A 314 3.97 13.89 14.98
N ALA A 315 2.90 13.39 15.58
CA ALA A 315 3.00 12.30 16.56
C ALA A 315 3.59 11.06 15.92
N CYS A 316 3.19 10.77 14.68
CA CYS A 316 3.73 9.62 13.95
C CYS A 316 5.22 9.80 13.66
N TRP A 317 5.69 11.04 13.69
CA TRP A 317 7.07 11.36 13.34
C TRP A 317 7.96 11.58 14.56
N ALA A 318 7.54 11.08 15.70
CA ALA A 318 8.37 11.11 16.90
C ALA A 318 9.66 10.36 16.60
N LEU A 319 10.80 10.96 16.94
CA LEU A 319 12.09 10.33 16.67
C LEU A 319 12.24 9.05 17.48
N GLU A 320 11.60 9.01 18.64
CA GLU A 320 11.58 7.80 19.47
C GLU A 320 10.40 6.90 19.11
N PRO A 321 10.67 5.71 18.56
CA PRO A 321 9.66 4.78 18.05
C PRO A 321 8.52 4.49 19.03
N THR A 322 8.84 4.27 20.29
CA THR A 322 7.85 3.94 21.31
C THR A 322 6.99 5.14 21.73
N HIS A 323 7.29 6.30 21.23
CA HIS A 323 6.54 7.48 21.56
C HIS A 323 5.48 7.75 20.52
N ARG A 324 5.61 7.11 19.38
CA ARG A 324 4.61 7.21 18.32
C ARG A 324 3.32 6.52 18.72
N PRO A 325 2.18 6.98 18.18
CA PRO A 325 0.91 6.33 18.50
C PRO A 325 0.82 4.92 17.90
N THR A 326 -0.03 4.09 18.47
CA THR A 326 -0.33 2.79 17.89
C THR A 326 -1.37 2.95 16.80
N PHE A 327 -1.48 1.95 15.92
CA PHE A 327 -2.46 1.99 14.85
C PHE A 327 -3.89 1.96 15.40
N GLN A 328 -4.08 1.30 16.54
CA GLN A 328 -5.40 1.28 17.17
C GLN A 328 -5.75 2.65 17.75
N GLN A 329 -4.75 3.38 18.23
CA GLN A 329 -4.99 4.72 18.71
C GLN A 329 -5.38 5.63 17.56
N ILE A 330 -4.62 5.54 16.47
CA ILE A 330 -4.91 6.31 15.26
C ILE A 330 -6.30 5.94 14.71
N THR A 331 -6.63 4.65 14.77
CA THR A 331 -7.91 4.17 14.27
C THR A 331 -9.08 4.79 15.04
N SER A 332 -9.05 4.69 16.36
CA SER A 332 -10.11 5.21 17.22
C SER A 332 -10.29 6.71 17.03
N PHE A 333 -9.19 7.43 16.95
CA PHE A 333 -9.23 8.87 16.74
C PHE A 333 -9.88 9.25 15.43
N LEU A 334 -9.44 8.60 14.35
CA LEU A 334 -9.93 8.92 13.01
C LEU A 334 -11.39 8.52 12.80
N GLN A 335 -11.78 7.39 13.38
CA GLN A 335 -13.16 6.92 13.25
C GLN A 335 -14.13 7.94 13.81
N GLU A 336 -13.74 8.55 14.94
CA GLU A 336 -14.58 9.55 15.57
C GLU A 336 -14.66 10.81 14.72
N GLN A 337 -13.54 11.22 14.14
CA GLN A 337 -13.50 12.39 13.27
C GLN A 337 -14.35 12.19 12.02
N ALA A 338 -14.20 11.03 11.39
CA ALA A 338 -14.92 10.72 10.16
C ALA A 338 -16.43 10.57 10.39
#